data_4LJY
#
_entry.id   4LJY
#
_cell.length_a   86.598
_cell.length_b   86.598
_cell.length_c   125.316
_cell.angle_alpha   90.00
_cell.angle_beta   90.00
_cell.angle_gamma   90.00
#
_symmetry.space_group_name_H-M   'P 43 21 2'
#
loop_
_entity.id
_entity.type
_entity.pdbx_description
1 polymer 'Pre-mRNA-processing ATP-dependent RNA helicase PRP5'
2 non-polymer "ADENOSINE-5'-DIPHOSPHATE"
3 non-polymer 'MAGNESIUM ION'
4 non-polymer (4R)-2-METHYLPENTANE-2,4-DIOL
5 water water
#
_entity_poly.entity_id   1
_entity_poly.type   'polypeptide(L)'
_entity_poly.pdbx_seq_one_letter_code
;YSPEELEPFQKNFYIESETVSS(MSE)SE(MSE)EVEELRLSLDNIKIKGTGCPKPVTKWSQLGLSTDT(MSE)VLITEK
LHFGSLTPIQSQALPAI(MSE)SGRDVIGISKTGSGKTISYLLPLLRQVKAQRPLSKHETGP(MSE)GLILAPTRELALQ
IHEEVTKFTEADTSIRSVCCTGGSE(MSE)KKQITDLKRGTEIVVATPGRFIDILTLNDGKLLSTKRITFVV(MSE)DEA
DRLFDLGFEPQITQI(MSE)KTVRPDKQCVLFSATFPNKLRSFAVRVLHSPISITINSKG(MSE)VNENVKQKFRICHSE
DEKFDNLVQLIHERSEFFDEVQSENDGQSSDVEEVDAKAIIFVSSQNICDFISKKLLNAGIVTCAIHAGKPYQERL
(MSE)NLEKFKREKNSILLCTEVLSRGLNVPEVSLVIIYNAVKTFAQYVHTTGRTARGSRSGTAITLLLHDELSGAYILS
KA(MSE)RDEEIKALDPLQAKELQE(MSE)SAKFESG(MSE)KKGKFRLSKGFGGKGLENIKSKREEAQ
;
_entity_poly.pdbx_strand_id   A
#
loop_
_chem_comp.id
_chem_comp.type
_chem_comp.name
_chem_comp.formula
ADP non-polymer ADENOSINE-5'-DIPHOSPHATE 'C10 H15 N5 O10 P2'
MG non-polymer 'MAGNESIUM ION' 'Mg 2'
MRD non-polymer (4R)-2-METHYLPENTANE-2,4-DIOL 'C6 H14 O2'
#
# COMPACT_ATOMS: atom_id res chain seq x y z
N LEU A 6 -18.63 -9.53 29.38
CA LEU A 6 -18.92 -10.79 28.72
C LEU A 6 -20.20 -10.74 27.87
N GLU A 7 -20.80 -9.55 27.74
CA GLU A 7 -21.96 -9.40 26.86
C GLU A 7 -21.54 -9.55 25.38
N PRO A 8 -22.23 -10.42 24.63
CA PRO A 8 -21.91 -10.65 23.21
C PRO A 8 -22.06 -9.38 22.38
N PHE A 9 -21.21 -9.20 21.37
CA PHE A 9 -21.37 -8.06 20.47
C PHE A 9 -20.91 -8.42 19.06
N GLN A 10 -21.53 -7.82 18.06
CA GLN A 10 -21.18 -8.10 16.68
C GLN A 10 -19.95 -7.29 16.28
N LYS A 11 -18.98 -7.95 15.65
CA LYS A 11 -17.75 -7.35 15.19
C LYS A 11 -17.65 -7.49 13.65
N ASN A 12 -18.23 -8.53 13.12
CA ASN A 12 -18.13 -8.85 11.70
C ASN A 12 -19.39 -8.43 10.96
N PHE A 13 -19.29 -7.34 10.21
CA PHE A 13 -20.42 -6.77 9.51
C PHE A 13 -20.28 -6.86 7.99
N TYR A 14 -19.06 -7.03 7.53
CA TYR A 14 -18.76 -6.83 6.12
C TYR A 14 -19.36 -7.87 5.19
N ILE A 15 -20.14 -7.40 4.23
CA ILE A 15 -20.63 -8.27 3.17
C ILE A 15 -19.96 -7.85 1.88
N GLU A 16 -19.13 -8.73 1.33
CA GLU A 16 -18.40 -8.43 0.12
C GLU A 16 -19.33 -8.29 -1.09
N SER A 17 -19.19 -7.17 -1.81
CA SER A 17 -19.99 -6.89 -2.99
C SER A 17 -19.61 -7.84 -4.11
N GLU A 18 -20.56 -8.08 -5.01
CA GLU A 18 -20.34 -8.98 -6.14
C GLU A 18 -19.20 -8.51 -7.05
N THR A 19 -19.09 -7.20 -7.27
CA THR A 19 -18.02 -6.63 -8.08
C THR A 19 -16.66 -7.01 -7.51
N VAL A 20 -16.52 -6.92 -6.19
CA VAL A 20 -15.25 -7.26 -5.54
C VAL A 20 -15.02 -8.77 -5.51
N SER A 21 -16.09 -9.53 -5.23
CA SER A 21 -16.03 -11.00 -5.24
C SER A 21 -15.56 -11.53 -6.58
N SER A 22 -16.02 -10.88 -7.64
CA SER A 22 -15.77 -11.31 -9.02
CA SER A 22 -15.77 -11.34 -9.00
C SER A 22 -14.34 -11.04 -9.46
N MSE A 23 -13.60 -10.28 -8.66
CA MSE A 23 -12.22 -9.95 -9.01
C MSE A 23 -11.30 -11.16 -8.80
O MSE A 23 -11.26 -11.73 -7.71
CB MSE A 23 -11.75 -8.77 -8.17
CG MSE A 23 -10.44 -8.16 -8.59
SE MSE A 23 -10.20 -6.38 -7.78
CE MSE A 23 -11.94 -5.65 -8.25
N SER A 24 -10.56 -11.56 -9.84
CA SER A 24 -9.66 -12.70 -9.71
C SER A 24 -8.46 -12.36 -8.83
N GLU A 25 -7.79 -13.39 -8.32
CA GLU A 25 -6.60 -13.18 -7.50
C GLU A 25 -5.49 -12.47 -8.27
N MSE A 26 -5.40 -12.68 -9.59
CA MSE A 26 -4.42 -11.95 -10.40
C MSE A 26 -4.80 -10.48 -10.50
O MSE A 26 -3.94 -9.58 -10.50
CB MSE A 26 -4.31 -12.56 -11.79
CG MSE A 26 -4.00 -14.06 -11.79
SE MSE A 26 -2.27 -14.44 -10.95
CE MSE A 26 -1.15 -13.19 -12.00
N GLU A 27 -6.09 -10.21 -10.62
CA GLU A 27 -6.55 -8.82 -10.68
C GLU A 27 -6.31 -8.12 -9.34
N VAL A 28 -6.52 -8.84 -8.23
CA VAL A 28 -6.26 -8.25 -6.92
C VAL A 28 -4.78 -7.92 -6.75
N GLU A 29 -3.91 -8.79 -7.22
CA GLU A 29 -2.48 -8.54 -7.07
C GLU A 29 -2.07 -7.26 -7.83
N GLU A 30 -2.58 -7.12 -9.04
CA GLU A 30 -2.28 -5.92 -9.82
C GLU A 30 -2.84 -4.69 -9.11
N LEU A 31 -4.08 -4.79 -8.62
CA LEU A 31 -4.70 -3.67 -7.93
C LEU A 31 -3.86 -3.23 -6.72
N ARG A 32 -3.40 -4.18 -5.94
CA ARG A 32 -2.60 -3.87 -4.77
C ARG A 32 -1.27 -3.19 -5.12
N LEU A 33 -0.62 -3.64 -6.19
CA LEU A 33 0.58 -2.96 -6.69
C LEU A 33 0.28 -1.51 -7.08
N SER A 34 -0.82 -1.30 -7.82
CA SER A 34 -1.18 0.03 -8.31
C SER A 34 -1.59 0.99 -7.20
N LEU A 35 -2.07 0.45 -6.08
CA LEU A 35 -2.44 1.31 -4.96
C LEU A 35 -1.26 1.51 -4.00
N ASP A 36 -0.18 2.09 -4.53
CA ASP A 36 1.02 2.38 -3.73
C ASP A 36 1.60 1.15 -3.02
N ASN A 37 1.58 0.02 -3.71
CA ASN A 37 2.19 -1.21 -3.21
C ASN A 37 1.66 -1.70 -1.85
N ILE A 38 0.37 -2.00 -1.81
CA ILE A 38 -0.24 -2.60 -0.62
C ILE A 38 0.34 -3.98 -0.35
N LYS A 39 0.88 -4.16 0.86
CA LYS A 39 1.39 -5.47 1.28
C LYS A 39 0.63 -5.90 2.52
N ILE A 40 0.30 -7.18 2.60
CA ILE A 40 -0.47 -7.73 3.71
C ILE A 40 0.35 -8.78 4.46
N LYS A 41 0.23 -8.81 5.79
CA LYS A 41 0.60 -9.98 6.58
C LYS A 41 -0.62 -10.44 7.37
N GLY A 42 -0.67 -11.73 7.68
CA GLY A 42 -1.82 -12.28 8.38
C GLY A 42 -2.70 -13.02 7.42
N THR A 43 -3.56 -13.87 7.95
CA THR A 43 -4.38 -14.74 7.14
C THR A 43 -5.82 -14.26 7.09
N GLY A 44 -6.47 -14.47 5.95
CA GLY A 44 -7.89 -14.17 5.79
C GLY A 44 -8.23 -12.72 5.49
N CYS A 45 -7.25 -11.92 5.08
CA CYS A 45 -7.54 -10.54 4.66
C CYS A 45 -8.46 -10.52 3.43
N PRO A 46 -9.54 -9.73 3.49
CA PRO A 46 -10.42 -9.68 2.32
C PRO A 46 -9.79 -8.90 1.18
N LYS A 47 -10.39 -9.02 0.00
CA LYS A 47 -9.98 -8.21 -1.14
C LYS A 47 -10.17 -6.72 -0.86
N PRO A 48 -9.34 -5.87 -1.47
CA PRO A 48 -9.58 -4.43 -1.29
C PRO A 48 -10.81 -3.96 -2.10
N VAL A 49 -11.45 -2.88 -1.66
CA VAL A 49 -12.60 -2.32 -2.40
C VAL A 49 -12.13 -1.09 -3.18
N THR A 50 -12.91 -0.64 -4.15
CA THR A 50 -12.51 0.57 -4.89
C THR A 50 -13.56 1.68 -4.92
N LYS A 51 -14.75 1.39 -4.39
CA LYS A 51 -15.83 2.38 -4.39
C LYS A 51 -16.42 2.48 -3.01
N TRP A 52 -16.83 3.68 -2.60
CA TRP A 52 -17.46 3.87 -1.28
C TRP A 52 -18.73 3.03 -1.18
N SER A 53 -19.39 2.82 -2.31
CA SER A 53 -20.65 2.08 -2.35
C SER A 53 -20.47 0.56 -2.13
N GLN A 54 -19.24 0.09 -2.09
CA GLN A 54 -18.99 -1.33 -1.86
C GLN A 54 -18.90 -1.71 -0.39
N LEU A 55 -19.23 -0.76 0.49
CA LEU A 55 -18.91 -0.91 1.93
C LEU A 55 -20.12 -1.02 2.85
N GLY A 56 -21.32 -0.92 2.30
CA GLY A 56 -22.53 -0.92 3.12
C GLY A 56 -22.62 0.25 4.10
N LEU A 57 -22.16 1.41 3.69
CA LEU A 57 -22.27 2.62 4.51
C LEU A 57 -23.70 3.13 4.47
N SER A 58 -24.11 3.90 5.48
CA SER A 58 -25.47 4.44 5.49
C SER A 58 -25.65 5.49 4.40
N THR A 59 -26.89 5.69 3.97
CA THR A 59 -27.21 6.72 3.00
C THR A 59 -26.62 8.07 3.38
N ASP A 60 -26.78 8.47 4.64
CA ASP A 60 -26.23 9.74 5.15
C ASP A 60 -24.71 9.83 5.06
N THR A 61 -24.02 8.73 5.36
CA THR A 61 -22.58 8.71 5.26
C THR A 61 -22.15 8.83 3.81
N MSE A 62 -22.86 8.13 2.92
CA MSE A 62 -22.59 8.21 1.49
C MSE A 62 -22.75 9.64 0.98
O MSE A 62 -21.96 10.12 0.16
CB MSE A 62 -23.50 7.28 0.71
CG MSE A 62 -23.12 5.81 0.81
SE MSE A 62 -21.34 5.45 0.06
CE MSE A 62 -21.71 5.96 -1.79
N VAL A 63 -23.76 10.34 1.47
CA VAL A 63 -23.99 11.74 1.08
C VAL A 63 -22.83 12.63 1.53
N LEU A 64 -22.43 12.51 2.79
CA LEU A 64 -21.34 13.32 3.33
C LEU A 64 -20.06 13.10 2.54
N ILE A 65 -19.76 11.84 2.26
CA ILE A 65 -18.52 11.50 1.60
C ILE A 65 -18.51 11.93 0.15
N THR A 66 -19.60 11.66 -0.57
CA THR A 66 -19.57 11.88 -2.01
C THR A 66 -20.11 13.23 -2.44
N GLU A 67 -20.93 13.86 -1.59
CA GLU A 67 -21.59 15.10 -1.99
C GLU A 67 -21.15 16.35 -1.21
N LYS A 68 -20.54 16.14 -0.05
CA LYS A 68 -20.08 17.25 0.76
C LYS A 68 -18.54 17.30 0.80
N LEU A 69 -17.90 16.15 0.94
CA LEU A 69 -16.44 16.09 0.94
C LEU A 69 -15.92 15.86 -0.49
N HIS A 70 -16.81 15.36 -1.35
CA HIS A 70 -16.49 15.10 -2.76
C HIS A 70 -15.33 14.13 -2.95
N PHE A 71 -15.23 13.11 -2.09
CA PHE A 71 -14.19 12.13 -2.28
C PHE A 71 -14.59 11.27 -3.48
N GLY A 72 -13.72 11.18 -4.49
CA GLY A 72 -14.05 10.38 -5.66
C GLY A 72 -13.41 9.00 -5.68
N SER A 73 -12.27 8.89 -5.01
CA SER A 73 -11.50 7.66 -4.95
C SER A 73 -11.11 7.40 -3.49
N LEU A 74 -10.82 6.16 -3.16
CA LEU A 74 -10.32 5.82 -1.83
C LEU A 74 -8.81 5.83 -1.90
N THR A 75 -8.18 6.18 -0.80
CA THR A 75 -6.74 6.02 -0.70
C THR A 75 -6.47 4.52 -0.55
N PRO A 76 -5.22 4.09 -0.82
CA PRO A 76 -4.80 2.70 -0.68
C PRO A 76 -5.13 2.14 0.71
N ILE A 77 -4.77 2.86 1.76
CA ILE A 77 -5.03 2.37 3.11
C ILE A 77 -6.54 2.22 3.38
N GLN A 78 -7.36 3.13 2.85
CA GLN A 78 -8.81 2.96 2.93
C GLN A 78 -9.31 1.73 2.15
N SER A 79 -8.83 1.57 0.92
CA SER A 79 -9.27 0.48 0.07
C SER A 79 -9.10 -0.87 0.76
N GLN A 80 -8.00 -1.03 1.49
CA GLN A 80 -7.68 -2.32 2.07
C GLN A 80 -8.05 -2.42 3.55
N ALA A 81 -7.89 -1.34 4.30
CA ALA A 81 -8.22 -1.38 5.71
C ALA A 81 -9.73 -1.40 6.01
N LEU A 82 -10.54 -0.69 5.24
CA LEU A 82 -11.98 -0.67 5.52
C LEU A 82 -12.67 -2.04 5.53
N PRO A 83 -12.53 -2.85 4.46
CA PRO A 83 -13.13 -4.18 4.47
C PRO A 83 -12.54 -5.09 5.56
N ALA A 84 -11.25 -4.96 5.84
CA ALA A 84 -10.62 -5.83 6.82
C ALA A 84 -11.14 -5.49 8.22
N ILE A 85 -11.18 -4.20 8.56
CA ILE A 85 -11.71 -3.81 9.87
C ILE A 85 -13.20 -4.11 9.98
N MSE A 86 -13.94 -3.93 8.88
CA MSE A 86 -15.37 -4.17 8.93
C MSE A 86 -15.70 -5.63 9.02
O MSE A 86 -16.82 -5.99 9.38
CB MSE A 86 -16.05 -3.50 7.73
CG MSE A 86 -16.12 -2.01 7.93
SE MSE A 86 -17.18 -1.22 6.47
CE MSE A 86 -17.27 0.56 7.21
N SER A 87 -14.74 -6.49 8.69
CA SER A 87 -14.89 -7.93 8.86
C SER A 87 -14.59 -8.38 10.28
N GLY A 88 -14.28 -7.42 11.14
CA GLY A 88 -14.13 -7.70 12.56
C GLY A 88 -12.70 -7.99 13.01
N ARG A 89 -11.75 -7.81 12.11
CA ARG A 89 -10.37 -8.18 12.42
C ARG A 89 -9.61 -7.06 13.15
N ASP A 90 -8.64 -7.46 13.97
CA ASP A 90 -7.66 -6.52 14.48
C ASP A 90 -6.73 -6.19 13.33
N VAL A 91 -6.41 -4.91 13.19
CA VAL A 91 -5.69 -4.48 12.02
C VAL A 91 -4.60 -3.48 12.37
N ILE A 92 -3.45 -3.67 11.75
CA ILE A 92 -2.36 -2.73 11.84
C ILE A 92 -2.25 -2.02 10.49
N GLY A 93 -2.43 -0.70 10.47
CA GLY A 93 -2.34 0.04 9.21
C GLY A 93 -1.21 1.05 9.18
N ILE A 94 -0.28 0.86 8.25
CA ILE A 94 0.91 1.68 8.16
C ILE A 94 0.89 2.41 6.81
N SER A 95 0.81 3.74 6.85
CA SER A 95 0.65 4.53 5.64
C SER A 95 1.10 5.96 5.93
N LYS A 96 1.70 6.62 4.93
CA LYS A 96 2.27 7.95 5.14
C LYS A 96 1.26 8.97 5.66
N THR A 97 1.77 9.98 6.36
CA THR A 97 0.93 11.07 6.78
C THR A 97 0.18 11.66 5.58
N GLY A 98 -1.06 12.05 5.82
CA GLY A 98 -1.92 12.60 4.78
C GLY A 98 -2.56 11.58 3.85
N SER A 99 -2.60 10.30 4.23
CA SER A 99 -3.18 9.29 3.35
C SER A 99 -4.56 8.77 3.76
N GLY A 100 -5.23 9.50 4.63
CA GLY A 100 -6.60 9.16 4.96
C GLY A 100 -6.75 8.08 6.03
N LYS A 101 -5.77 7.95 6.89
CA LYS A 101 -5.90 6.98 7.97
C LYS A 101 -7.10 7.19 8.89
N THR A 102 -7.56 8.43 9.07
CA THR A 102 -8.66 8.67 10.05
C THR A 102 -9.93 7.97 9.63
N ILE A 103 -10.32 8.18 8.38
CA ILE A 103 -11.54 7.56 7.89
C ILE A 103 -11.40 6.03 7.84
N SER A 104 -10.18 5.55 7.64
CA SER A 104 -9.89 4.11 7.61
C SER A 104 -10.33 3.38 8.88
N TYR A 105 -10.24 4.05 10.03
CA TYR A 105 -10.72 3.42 11.25
C TYR A 105 -12.06 3.96 11.70
N LEU A 106 -12.37 5.19 11.29
CA LEU A 106 -13.56 5.87 11.78
C LEU A 106 -14.86 5.24 11.27
N LEU A 107 -14.92 4.97 9.96
CA LEU A 107 -16.14 4.38 9.40
C LEU A 107 -16.45 3.01 10.01
N PRO A 108 -15.42 2.17 10.18
CA PRO A 108 -15.76 0.90 10.82
C PRO A 108 -16.11 1.05 12.31
N LEU A 109 -15.47 1.99 13.01
CA LEU A 109 -15.81 2.22 14.40
CA LEU A 109 -15.80 2.27 14.40
C LEU A 109 -17.28 2.62 14.53
N LEU A 110 -17.70 3.58 13.72
CA LEU A 110 -19.07 4.05 13.70
C LEU A 110 -20.05 2.91 13.47
N ARG A 111 -19.74 2.06 12.49
CA ARG A 111 -20.60 0.94 12.18
C ARG A 111 -20.76 0.01 13.37
N GLN A 112 -19.69 -0.28 14.06
CA GLN A 112 -19.76 -1.27 15.12
C GLN A 112 -20.54 -0.71 16.29
N VAL A 113 -20.23 0.54 16.65
CA VAL A 113 -20.90 1.22 17.75
C VAL A 113 -22.40 1.36 17.50
N LYS A 114 -22.74 1.79 16.30
CA LYS A 114 -24.14 2.04 15.93
C LYS A 114 -24.98 0.77 16.06
N ALA A 115 -24.33 -0.38 15.87
CA ALA A 115 -25.03 -1.66 15.84
C ALA A 115 -25.39 -2.18 17.22
N GLN A 116 -24.80 -1.60 18.26
CA GLN A 116 -24.98 -2.14 19.60
C GLN A 116 -26.20 -1.60 20.34
N ARG A 117 -26.59 -2.35 21.36
CA ARG A 117 -27.54 -1.88 22.36
C ARG A 117 -27.10 -0.53 22.89
N PRO A 118 -28.02 0.43 22.93
CA PRO A 118 -27.71 1.76 23.44
C PRO A 118 -27.37 1.71 24.93
N LEU A 119 -26.64 2.71 25.41
CA LEU A 119 -26.27 2.78 26.81
C LEU A 119 -27.52 2.83 27.68
N SER A 120 -27.56 2.03 28.74
CA SER A 120 -28.67 2.13 29.67
C SER A 120 -28.39 3.29 30.62
N LYS A 121 -29.38 3.69 31.40
CA LYS A 121 -29.21 4.87 32.25
C LYS A 121 -28.05 4.73 33.25
N HIS A 122 -27.68 3.50 33.58
CA HIS A 122 -26.58 3.27 34.50
C HIS A 122 -25.22 3.06 33.81
N GLU A 123 -25.21 3.16 32.48
CA GLU A 123 -23.97 2.96 31.72
C GLU A 123 -23.38 4.28 31.22
N THR A 124 -22.10 4.49 31.49
CA THR A 124 -21.44 5.74 31.14
C THR A 124 -20.96 5.79 29.70
N GLY A 125 -20.68 4.62 29.12
CA GLY A 125 -19.94 4.56 27.88
C GLY A 125 -18.48 4.78 28.22
N PRO A 126 -17.62 4.82 27.18
CA PRO A 126 -18.02 4.76 25.78
C PRO A 126 -18.07 3.33 25.27
N MSE A 127 -18.44 3.18 23.99
CA MSE A 127 -18.32 1.90 23.35
C MSE A 127 -17.06 1.91 22.48
O MSE A 127 -16.39 0.87 22.32
CB MSE A 127 -19.57 1.64 22.53
CG MSE A 127 -20.84 2.05 23.35
SE MSE A 127 -22.34 2.15 22.16
CE MSE A 127 -23.81 2.29 23.45
N GLY A 128 -16.71 3.08 21.97
CA GLY A 128 -15.51 3.24 21.18
C GLY A 128 -14.53 4.21 21.81
N LEU A 129 -13.25 3.88 21.69
CA LEU A 129 -12.18 4.68 22.28
C LEU A 129 -11.07 4.92 21.26
N ILE A 130 -10.79 6.18 20.99
CA ILE A 130 -9.69 6.55 20.10
C ILE A 130 -8.64 7.27 20.91
N LEU A 131 -7.44 6.72 20.91
CA LEU A 131 -6.31 7.28 21.62
C LEU A 131 -5.39 8.02 20.64
N ALA A 132 -5.05 9.26 20.97
CA ALA A 132 -4.13 10.03 20.13
C ALA A 132 -3.04 10.61 21.01
N PRO A 133 -1.87 10.94 20.41
CA PRO A 133 -0.74 11.27 21.29
C PRO A 133 -0.72 12.73 21.78
N THR A 134 -1.54 13.60 21.20
CA THR A 134 -1.54 15.00 21.59
C THR A 134 -2.95 15.59 21.61
N ARG A 135 -3.11 16.69 22.36
N ARG A 135 -3.12 16.68 22.36
CA ARG A 135 -4.37 17.38 22.51
CA ARG A 135 -4.42 17.34 22.47
C ARG A 135 -4.85 17.83 21.13
C ARG A 135 -4.87 17.81 21.09
N GLU A 136 -3.93 18.37 20.35
CA GLU A 136 -4.20 18.92 19.04
C GLU A 136 -4.75 17.85 18.11
N LEU A 137 -4.11 16.68 18.11
CA LEU A 137 -4.53 15.53 17.30
C LEU A 137 -5.89 14.98 17.73
N ALA A 138 -6.05 14.78 19.04
CA ALA A 138 -7.33 14.36 19.58
C ALA A 138 -8.46 15.29 19.14
N LEU A 139 -8.23 16.60 19.22
CA LEU A 139 -9.27 17.57 18.87
C LEU A 139 -9.64 17.42 17.39
N GLN A 140 -8.62 17.20 16.57
CA GLN A 140 -8.83 17.02 15.14
C GLN A 140 -9.67 15.78 14.87
N ILE A 141 -9.34 14.68 15.55
CA ILE A 141 -10.08 13.45 15.35
C ILE A 141 -11.53 13.67 15.77
N HIS A 142 -11.70 14.30 16.91
CA HIS A 142 -13.02 14.54 17.49
C HIS A 142 -13.90 15.33 16.52
N GLU A 143 -13.28 16.31 15.85
CA GLU A 143 -13.92 17.11 14.81
C GLU A 143 -14.43 16.24 13.69
N GLU A 144 -13.60 15.30 13.23
CA GLU A 144 -14.04 14.35 12.21
C GLU A 144 -15.16 13.46 12.72
N VAL A 145 -15.00 12.91 13.92
CA VAL A 145 -16.03 12.07 14.50
C VAL A 145 -17.36 12.82 14.56
N THR A 146 -17.31 14.06 15.01
CA THR A 146 -18.50 14.90 15.10
C THR A 146 -19.16 15.06 13.72
N LYS A 147 -18.35 15.38 12.72
CA LYS A 147 -18.86 15.55 11.36
C LYS A 147 -19.63 14.32 10.89
N PHE A 148 -19.03 13.15 11.09
CA PHE A 148 -19.66 11.90 10.67
C PHE A 148 -20.77 11.41 11.60
N THR A 149 -21.02 12.11 12.70
CA THR A 149 -22.06 11.70 13.64
C THR A 149 -23.09 12.80 13.87
N GLU A 150 -22.89 13.95 13.24
CA GLU A 150 -23.77 15.09 13.45
C GLU A 150 -25.23 14.75 13.22
N ALA A 151 -25.53 14.19 12.05
CA ALA A 151 -26.91 13.87 11.67
C ALA A 151 -27.52 12.73 12.48
N ASP A 152 -26.69 11.99 13.19
CA ASP A 152 -27.16 10.81 13.93
C ASP A 152 -27.15 11.03 15.45
N THR A 153 -28.33 11.15 16.03
CA THR A 153 -28.44 11.39 17.46
C THR A 153 -27.90 10.23 18.30
N SER A 154 -27.91 9.03 17.74
CA SER A 154 -27.55 7.84 18.51
C SER A 154 -26.07 7.75 18.94
N ILE A 155 -25.20 8.57 18.34
CA ILE A 155 -23.78 8.53 18.64
C ILE A 155 -23.22 9.91 19.00
N ARG A 156 -22.72 10.02 20.23
CA ARG A 156 -22.06 11.23 20.72
C ARG A 156 -20.58 10.94 20.88
N SER A 157 -19.76 11.97 20.74
CA SER A 157 -18.33 11.87 20.98
C SER A 157 -17.94 12.92 22.01
N VAL A 158 -16.96 12.59 22.85
CA VAL A 158 -16.39 13.54 23.80
C VAL A 158 -14.86 13.52 23.71
N CYS A 159 -14.26 14.70 23.64
CA CYS A 159 -12.81 14.80 23.55
C CYS A 159 -12.19 15.06 24.92
N CYS A 160 -11.41 14.10 25.41
CA CYS A 160 -10.82 14.17 26.75
C CYS A 160 -9.32 14.38 26.69
N THR A 161 -8.90 15.63 26.93
CA THR A 161 -7.50 15.99 26.86
C THR A 161 -7.17 16.90 28.05
N GLY A 162 -5.96 17.44 28.04
CA GLY A 162 -5.62 18.52 28.95
C GLY A 162 -5.94 19.86 28.31
N GLY A 163 -7.21 20.04 27.94
CA GLY A 163 -7.65 21.22 27.22
C GLY A 163 -8.31 22.31 28.05
N SER A 164 -7.48 23.20 28.61
CA SER A 164 -7.95 24.35 29.36
C SER A 164 -8.95 23.98 30.45
N GLU A 165 -10.22 23.87 30.08
CA GLU A 165 -11.26 23.43 31.01
C GLU A 165 -11.61 21.96 30.78
N MSE A 166 -10.93 21.07 31.50
CA MSE A 166 -11.34 19.69 31.59
C MSE A 166 -12.70 19.67 32.29
O MSE A 166 -13.49 18.73 32.14
CB MSE A 166 -10.31 18.90 32.41
CG MSE A 166 -10.86 17.70 33.13
SE MSE A 166 -9.63 17.09 34.54
CE MSE A 166 -10.63 17.61 36.13
N LYS A 167 -12.96 20.73 33.04
CA LYS A 167 -14.23 20.92 33.73
C LYS A 167 -15.37 20.94 32.72
N LYS A 168 -15.09 21.42 31.51
CA LYS A 168 -16.07 21.42 30.44
C LYS A 168 -16.16 20.04 29.76
N GLN A 169 -15.15 19.20 30.00
CA GLN A 169 -15.18 17.84 29.50
C GLN A 169 -16.01 16.95 30.41
N ILE A 170 -15.91 17.20 31.71
CA ILE A 170 -16.59 16.39 32.72
C ILE A 170 -18.11 16.49 32.67
N THR A 171 -18.65 17.67 32.95
CA THR A 171 -20.08 17.91 32.85
C THR A 171 -20.69 17.16 31.67
N ASP A 172 -19.98 17.15 30.55
CA ASP A 172 -20.41 16.42 29.37
C ASP A 172 -20.42 14.90 29.60
N LEU A 173 -19.31 14.38 30.12
CA LEU A 173 -19.21 12.95 30.42
C LEU A 173 -20.31 12.48 31.36
N LYS A 174 -20.74 13.36 32.25
CA LYS A 174 -21.83 13.05 33.17
C LYS A 174 -23.05 12.48 32.45
N ARG A 175 -23.25 12.92 31.22
CA ARG A 175 -24.43 12.54 30.44
C ARG A 175 -24.25 11.21 29.72
N GLY A 176 -23.03 10.68 29.73
CA GLY A 176 -22.70 9.49 28.97
C GLY A 176 -22.22 9.82 27.56
N THR A 177 -21.48 8.89 26.96
CA THR A 177 -20.97 9.10 25.61
C THR A 177 -20.67 7.75 24.96
N GLU A 178 -20.84 7.67 23.66
CA GLU A 178 -20.61 6.43 22.91
C GLU A 178 -19.17 6.34 22.44
N ILE A 179 -18.57 7.50 22.21
CA ILE A 179 -17.20 7.57 21.74
C ILE A 179 -16.40 8.54 22.59
N VAL A 180 -15.21 8.12 22.98
CA VAL A 180 -14.26 9.02 23.63
C VAL A 180 -13.02 9.13 22.75
N VAL A 181 -12.59 10.36 22.47
CA VAL A 181 -11.30 10.61 21.86
C VAL A 181 -10.46 11.23 22.97
N ALA A 182 -9.33 10.61 23.29
CA ALA A 182 -8.54 11.04 24.43
C ALA A 182 -7.04 10.84 24.24
N THR A 183 -6.24 11.65 24.91
CA THR A 183 -4.84 11.32 25.08
C THR A 183 -4.80 10.33 26.22
N PRO A 184 -3.78 9.45 26.23
CA PRO A 184 -3.81 8.31 27.15
C PRO A 184 -3.75 8.66 28.65
N GLY A 185 -2.90 9.59 29.05
CA GLY A 185 -2.79 9.95 30.45
C GLY A 185 -4.10 10.53 30.95
N ARG A 186 -4.70 11.38 30.13
CA ARG A 186 -5.97 12.01 30.46
C ARG A 186 -7.10 10.97 30.61
N PHE A 187 -7.13 9.98 29.73
CA PHE A 187 -8.15 8.96 29.80
C PHE A 187 -8.06 8.22 31.15
N ILE A 188 -6.86 7.82 31.52
CA ILE A 188 -6.67 7.12 32.78
C ILE A 188 -7.14 7.97 33.96
N ASP A 189 -6.82 9.26 33.95
CA ASP A 189 -7.29 10.15 35.02
C ASP A 189 -8.81 10.14 35.14
N ILE A 190 -9.51 10.25 34.01
CA ILE A 190 -10.97 10.25 34.03
C ILE A 190 -11.57 8.97 34.61
N LEU A 191 -10.85 7.86 34.46
CA LEU A 191 -11.33 6.57 34.94
C LEU A 191 -11.48 6.50 36.46
N THR A 192 -10.84 7.41 37.17
CA THR A 192 -10.83 7.38 38.64
C THR A 192 -11.78 8.42 39.25
N LEU A 193 -12.15 9.43 38.46
CA LEU A 193 -13.07 10.46 38.89
C LEU A 193 -14.38 9.90 39.42
N ASN A 194 -14.97 10.60 40.38
CA ASN A 194 -16.24 10.20 40.97
C ASN A 194 -16.25 8.73 41.36
N ASP A 195 -15.15 8.26 41.93
CA ASP A 195 -15.07 6.91 42.45
C ASP A 195 -15.10 5.86 41.34
N GLY A 196 -14.59 6.22 40.16
CA GLY A 196 -14.63 5.34 39.00
C GLY A 196 -16.01 5.16 38.43
N LYS A 197 -16.91 6.10 38.72
CA LYS A 197 -18.29 5.99 38.29
C LYS A 197 -18.63 6.99 37.18
N LEU A 198 -17.70 7.85 36.83
CA LEU A 198 -17.96 8.84 35.80
C LEU A 198 -17.80 8.25 34.41
N LEU A 199 -16.76 7.45 34.25
CA LEU A 199 -16.42 6.89 32.97
C LEU A 199 -15.93 5.46 33.21
N SER A 200 -16.52 4.52 32.50
CA SER A 200 -16.26 3.10 32.73
C SER A 200 -15.79 2.43 31.44
N THR A 201 -15.04 1.34 31.57
CA THR A 201 -14.53 0.64 30.39
C THR A 201 -15.40 -0.54 30.02
N LYS A 202 -16.47 -0.78 30.78
CA LYS A 202 -17.23 -2.03 30.64
C LYS A 202 -17.77 -2.26 29.23
N ARG A 203 -18.18 -1.21 28.56
CA ARG A 203 -18.83 -1.37 27.27
C ARG A 203 -17.92 -1.01 26.09
N ILE A 204 -16.64 -0.84 26.36
CA ILE A 204 -15.68 -0.59 25.30
C ILE A 204 -15.46 -1.87 24.51
N THR A 205 -15.76 -1.82 23.22
CA THR A 205 -15.64 -2.95 22.30
C THR A 205 -14.72 -2.62 21.12
N PHE A 206 -14.36 -1.35 20.97
CA PHE A 206 -13.54 -0.93 19.84
C PHE A 206 -12.50 0.08 20.33
N VAL A 207 -11.23 -0.25 20.17
CA VAL A 207 -10.15 0.66 20.55
C VAL A 207 -9.27 0.97 19.35
N VAL A 208 -9.02 2.26 19.15
CA VAL A 208 -8.11 2.71 18.10
C VAL A 208 -6.88 3.38 18.69
N MSE A 209 -5.71 2.98 18.21
CA MSE A 209 -4.48 3.66 18.57
C MSE A 209 -3.95 4.38 17.34
O MSE A 209 -3.44 3.76 16.42
CB MSE A 209 -3.43 2.66 19.08
CG MSE A 209 -3.62 2.23 20.52
SE MSE A 209 -2.50 0.65 20.87
CE MSE A 209 -0.75 1.41 20.42
N ASP A 210 -4.10 5.70 17.32
CA ASP A 210 -3.78 6.49 16.15
C ASP A 210 -2.44 7.19 16.34
N GLU A 211 -1.73 7.40 15.25
CA GLU A 211 -0.37 7.94 15.31
C GLU A 211 0.43 7.13 16.31
N ALA A 212 0.31 5.81 16.23
CA ALA A 212 0.80 4.93 17.28
C ALA A 212 2.30 5.00 17.50
N ASP A 213 3.07 5.25 16.45
CA ASP A 213 4.50 5.42 16.67
C ASP A 213 4.75 6.60 17.63
N ARG A 214 4.00 7.68 17.41
CA ARG A 214 4.10 8.86 18.28
C ARG A 214 3.54 8.60 19.68
N LEU A 215 2.50 7.79 19.78
CA LEU A 215 2.02 7.39 21.10
C LEU A 215 3.16 6.82 21.94
N PHE A 216 3.98 5.97 21.33
CA PHE A 216 5.14 5.41 22.00
C PHE A 216 6.31 6.40 22.20
N ASP A 217 6.66 7.15 21.16
CA ASP A 217 7.74 8.13 21.28
C ASP A 217 7.52 9.12 22.41
N LEU A 218 6.26 9.49 22.62
CA LEU A 218 5.93 10.51 23.61
C LEU A 218 5.68 9.91 24.98
N GLY A 219 6.01 8.63 25.12
CA GLY A 219 6.01 7.96 26.41
C GLY A 219 4.69 7.41 26.93
N PHE A 220 3.79 7.00 26.04
CA PHE A 220 2.50 6.55 26.51
C PHE A 220 2.36 5.03 26.59
N GLU A 221 3.43 4.28 26.32
CA GLU A 221 3.27 2.82 26.36
C GLU A 221 2.71 2.32 27.70
N PRO A 222 3.22 2.86 28.82
CA PRO A 222 2.71 2.37 30.11
C PRO A 222 1.22 2.61 30.27
N GLN A 223 0.75 3.81 29.92
CA GLN A 223 -0.67 4.13 30.01
C GLN A 223 -1.50 3.26 29.07
N ILE A 224 -1.02 3.08 27.85
CA ILE A 224 -1.75 2.27 26.89
C ILE A 224 -1.82 0.79 27.33
N THR A 225 -0.70 0.25 27.81
CA THR A 225 -0.70 -1.09 28.43
C THR A 225 -1.75 -1.15 29.52
N GLN A 226 -1.74 -0.18 30.42
CA GLN A 226 -2.72 -0.12 31.52
CA GLN A 226 -2.71 -0.19 31.51
C GLN A 226 -4.15 -0.16 30.99
N ILE A 227 -4.40 0.62 29.93
CA ILE A 227 -5.75 0.66 29.36
C ILE A 227 -6.15 -0.67 28.72
N MSE A 228 -5.23 -1.30 28.01
CA MSE A 228 -5.56 -2.55 27.33
C MSE A 228 -5.86 -3.66 28.34
O MSE A 228 -6.72 -4.51 28.10
CB MSE A 228 -4.43 -3.00 26.40
CG MSE A 228 -4.19 -2.09 25.21
SE MSE A 228 -5.85 -1.76 24.24
CE MSE A 228 -6.05 -3.49 23.35
N LYS A 229 -5.16 -3.65 29.47
CA LYS A 229 -5.39 -4.69 30.46
C LYS A 229 -6.80 -4.63 31.06
N THR A 230 -7.41 -3.44 31.03
CA THR A 230 -8.70 -3.26 31.68
C THR A 230 -9.89 -3.33 30.71
N VAL A 231 -9.63 -3.25 29.42
CA VAL A 231 -10.69 -3.39 28.44
C VAL A 231 -10.91 -4.91 28.23
N ARG A 232 -12.14 -5.32 27.98
CA ARG A 232 -12.42 -6.74 27.70
C ARG A 232 -11.44 -7.28 26.68
N PRO A 233 -11.02 -8.54 26.85
CA PRO A 233 -9.97 -9.21 26.05
C PRO A 233 -10.32 -9.40 24.58
N ASP A 234 -11.61 -9.50 24.28
CA ASP A 234 -12.05 -9.77 22.92
C ASP A 234 -12.48 -8.49 22.20
N LYS A 235 -11.99 -7.35 22.67
CA LYS A 235 -12.28 -6.09 22.00
C LYS A 235 -11.74 -6.15 20.58
N GLN A 236 -12.27 -5.31 19.69
CA GLN A 236 -11.61 -5.11 18.41
C GLN A 236 -10.63 -3.97 18.63
N CYS A 237 -9.39 -4.16 18.19
CA CYS A 237 -8.40 -3.11 18.34
C CYS A 237 -7.67 -2.90 17.01
N VAL A 238 -7.44 -1.63 16.67
CA VAL A 238 -6.72 -1.29 15.45
C VAL A 238 -5.65 -0.27 15.76
N LEU A 239 -4.59 -0.30 14.97
CA LEU A 239 -3.44 0.55 15.18
C LEU A 239 -3.04 1.19 13.86
N PHE A 240 -3.01 2.52 13.83
CA PHE A 240 -2.67 3.25 12.62
C PHE A 240 -1.47 4.15 12.87
N SER A 241 -0.56 4.19 11.91
CA SER A 241 0.71 4.84 12.11
C SER A 241 1.45 5.01 10.79
N ALA A 242 2.30 6.05 10.73
CA ALA A 242 3.15 6.29 9.58
C ALA A 242 4.38 5.38 9.57
N THR A 243 4.85 4.99 10.74
CA THR A 243 5.97 4.05 10.84
C THR A 243 5.64 2.91 11.81
N PHE A 244 6.43 1.85 11.78
CA PHE A 244 6.15 0.67 12.61
C PHE A 244 7.47 0.11 13.17
N PRO A 245 8.04 0.78 14.18
CA PRO A 245 9.30 0.39 14.79
C PRO A 245 9.14 -0.92 15.56
N ASN A 246 10.24 -1.62 15.80
CA ASN A 246 10.17 -2.90 16.50
C ASN A 246 9.43 -2.86 17.83
N LYS A 247 9.63 -1.84 18.64
CA LYS A 247 8.98 -1.82 19.95
C LYS A 247 7.45 -1.76 19.81
N LEU A 248 6.97 -1.05 18.79
CA LEU A 248 5.53 -0.95 18.57
C LEU A 248 4.98 -2.26 18.03
N ARG A 249 5.75 -2.89 17.14
CA ARG A 249 5.37 -4.20 16.63
C ARG A 249 5.26 -5.16 17.79
N SER A 250 6.25 -5.14 18.68
CA SER A 250 6.22 -6.08 19.80
C SER A 250 4.95 -5.88 20.62
N PHE A 251 4.60 -4.62 20.85
CA PHE A 251 3.36 -4.29 21.56
C PHE A 251 2.12 -4.78 20.80
N ALA A 252 2.11 -4.52 19.50
CA ALA A 252 0.97 -4.89 18.66
C ALA A 252 0.74 -6.39 18.67
N VAL A 253 1.81 -7.16 18.50
CA VAL A 253 1.74 -8.61 18.47
C VAL A 253 1.24 -9.19 19.78
N ARG A 254 1.68 -8.60 20.88
CA ARG A 254 1.25 -9.02 22.21
C ARG A 254 -0.25 -8.77 22.40
N VAL A 255 -0.70 -7.61 21.96
CA VAL A 255 -2.02 -7.10 22.35
C VAL A 255 -3.16 -7.40 21.37
N LEU A 256 -2.85 -7.50 20.08
CA LEU A 256 -3.87 -7.79 19.07
C LEU A 256 -4.08 -9.28 18.87
N HIS A 257 -5.28 -9.65 18.45
CA HIS A 257 -5.56 -11.04 18.15
C HIS A 257 -5.54 -11.28 16.63
N SER A 258 -4.70 -12.23 16.21
CA SER A 258 -4.53 -12.58 14.80
C SER A 258 -4.67 -11.37 13.91
N PRO A 259 -3.79 -10.38 14.11
CA PRO A 259 -3.99 -9.12 13.38
C PRO A 259 -3.65 -9.26 11.91
N ILE A 260 -4.31 -8.46 11.10
CA ILE A 260 -3.91 -8.27 9.72
C ILE A 260 -3.05 -7.02 9.67
N SER A 261 -1.90 -7.14 9.02
CA SER A 261 -1.02 -6.00 8.82
CA SER A 261 -1.00 -6.02 8.82
C SER A 261 -1.13 -5.49 7.39
N ILE A 262 -1.39 -4.21 7.23
CA ILE A 262 -1.46 -3.58 5.92
C ILE A 262 -0.44 -2.47 5.85
N THR A 263 0.50 -2.58 4.92
CA THR A 263 1.47 -1.51 4.76
C THR A 263 1.40 -0.91 3.36
N ILE A 264 1.50 0.39 3.27
CA ILE A 264 1.40 1.09 2.01
C ILE A 264 2.79 1.60 1.63
N ASN A 265 3.37 0.98 0.62
CA ASN A 265 4.69 1.34 0.12
C ASN A 265 5.80 1.41 1.17
N SER A 266 5.81 0.39 2.03
CA SER A 266 6.82 0.27 3.09
C SER A 266 8.20 0.04 2.47
N LYS A 267 8.27 -0.93 1.56
CA LYS A 267 9.49 -1.14 0.77
C LYS A 267 9.10 -1.05 -0.71
N GLY A 268 10.10 -1.00 -1.58
CA GLY A 268 9.82 -0.91 -3.01
C GLY A 268 9.24 -2.22 -3.55
N MSE A 269 8.32 -2.12 -4.50
CA MSE A 269 7.79 -3.33 -5.12
C MSE A 269 8.90 -4.04 -5.89
O MSE A 269 8.82 -5.24 -6.16
CB MSE A 269 6.62 -3.00 -6.05
CG MSE A 269 6.96 -2.01 -7.15
SE MSE A 269 5.44 -1.76 -8.36
CE MSE A 269 4.26 -0.77 -7.16
N VAL A 270 9.93 -3.29 -6.26
CA VAL A 270 11.13 -3.86 -6.84
C VAL A 270 12.20 -3.89 -5.78
N ASN A 271 12.98 -4.96 -5.74
CA ASN A 271 14.13 -5.05 -4.82
C ASN A 271 14.95 -3.77 -4.91
N GLU A 272 15.28 -3.22 -3.74
CA GLU A 272 15.98 -1.94 -3.63
C GLU A 272 17.38 -1.93 -4.28
N ASN A 273 18.01 -3.10 -4.38
CA ASN A 273 19.34 -3.18 -4.96
C ASN A 273 19.35 -3.10 -6.49
N VAL A 274 18.17 -3.29 -7.08
CA VAL A 274 18.03 -3.17 -8.53
C VAL A 274 18.17 -1.71 -8.94
N LYS A 275 19.03 -1.45 -9.91
CA LYS A 275 19.18 -0.11 -10.45
C LYS A 275 18.19 0.10 -11.59
N GLN A 276 17.16 0.92 -11.37
CA GLN A 276 16.14 1.14 -12.38
C GLN A 276 16.44 2.34 -13.25
N LYS A 277 16.32 2.17 -14.57
CA LYS A 277 16.63 3.25 -15.50
C LYS A 277 15.65 3.23 -16.66
N PHE A 278 15.60 4.33 -17.39
CA PHE A 278 14.78 4.36 -18.58
C PHE A 278 15.37 5.39 -19.55
N ARG A 279 14.99 5.26 -20.82
CA ARG A 279 15.40 6.20 -21.85
C ARG A 279 14.17 6.49 -22.67
N ILE A 280 13.86 7.77 -22.88
CA ILE A 280 12.69 8.13 -23.67
C ILE A 280 13.05 8.32 -25.15
N CYS A 281 12.37 7.57 -26.02
CA CYS A 281 12.65 7.59 -27.44
C CYS A 281 11.41 8.04 -28.18
N HIS A 282 11.60 8.59 -29.36
CA HIS A 282 10.49 9.18 -30.11
C HIS A 282 10.04 8.36 -31.32
N SER A 283 10.71 7.23 -31.55
CA SER A 283 10.34 6.33 -32.62
C SER A 283 11.03 5.00 -32.37
N GLU A 284 10.56 3.97 -33.06
CA GLU A 284 11.19 2.67 -32.97
CA GLU A 284 11.19 2.65 -33.01
C GLU A 284 12.64 2.72 -33.47
N ASP A 285 12.91 3.55 -34.48
CA ASP A 285 14.28 3.67 -34.97
C ASP A 285 15.24 4.20 -33.92
N GLU A 286 14.80 5.20 -33.16
CA GLU A 286 15.62 5.78 -32.12
C GLU A 286 15.74 4.77 -30.98
N LYS A 287 14.68 4.00 -30.76
CA LYS A 287 14.71 2.96 -29.74
C LYS A 287 15.75 1.89 -30.10
N PHE A 288 15.74 1.42 -31.33
CA PHE A 288 16.74 0.44 -31.72
C PHE A 288 18.15 1.02 -31.61
N ASP A 289 18.32 2.29 -31.98
CA ASP A 289 19.64 2.90 -31.90
C ASP A 289 20.13 2.89 -30.45
N ASN A 290 19.23 3.20 -29.51
CA ASN A 290 19.57 3.15 -28.10
C ASN A 290 19.93 1.74 -27.61
N LEU A 291 19.21 0.75 -28.10
CA LEU A 291 19.50 -0.64 -27.74
C LEU A 291 20.93 -1.00 -28.12
N VAL A 292 21.25 -0.79 -29.40
CA VAL A 292 22.60 -1.02 -29.89
C VAL A 292 23.63 -0.28 -29.03
N GLN A 293 23.35 0.98 -28.73
CA GLN A 293 24.29 1.75 -27.92
C GLN A 293 24.48 1.15 -26.52
N LEU A 294 23.40 0.68 -25.91
CA LEU A 294 23.49 0.09 -24.57
C LEU A 294 24.36 -1.16 -24.63
N ILE A 295 24.18 -1.93 -25.70
CA ILE A 295 24.90 -3.17 -25.84
C ILE A 295 26.39 -2.84 -26.06
N HIS A 296 26.67 -1.83 -26.87
CA HIS A 296 28.05 -1.37 -27.04
C HIS A 296 28.68 -0.86 -25.74
N GLU A 297 27.96 -0.07 -24.96
CA GLU A 297 28.45 0.38 -23.66
C GLU A 297 28.78 -0.79 -22.72
N ARG A 298 28.01 -1.87 -22.83
CA ARG A 298 28.22 -3.05 -22.02
C ARG A 298 29.54 -3.70 -22.40
N SER A 299 29.79 -3.79 -23.71
CA SER A 299 31.01 -4.41 -24.20
C SER A 299 32.26 -3.61 -23.81
N GLU A 300 32.18 -2.28 -23.94
CA GLU A 300 33.27 -1.41 -23.49
C GLU A 300 33.60 -1.71 -22.03
N PHE A 301 32.56 -1.68 -21.19
CA PHE A 301 32.68 -2.04 -19.79
C PHE A 301 33.47 -3.34 -19.59
N PHE A 302 33.19 -4.33 -20.43
CA PHE A 302 33.83 -5.64 -20.34
C PHE A 302 35.35 -5.59 -20.54
N ASP A 303 35.79 -4.86 -21.57
CA ASP A 303 37.21 -4.68 -21.82
C ASP A 303 37.85 -3.95 -20.63
N GLU A 304 37.22 -2.84 -20.23
CA GLU A 304 37.65 -2.05 -19.09
C GLU A 304 37.86 -2.93 -17.85
N VAL A 305 36.88 -3.79 -17.57
CA VAL A 305 36.95 -4.70 -16.44
C VAL A 305 38.10 -5.71 -16.58
N GLN A 306 38.33 -6.17 -17.81
CA GLN A 306 39.42 -7.10 -18.10
C GLN A 306 40.79 -6.44 -17.94
N SER A 307 40.89 -5.47 -17.04
CA SER A 307 42.13 -4.74 -16.76
C SER A 307 43.38 -5.59 -17.03
N ASP A 320 31.11 -13.52 -15.95
CA ASP A 320 29.95 -13.88 -16.75
C ASP A 320 28.74 -13.02 -16.41
N ALA A 321 28.60 -11.91 -17.12
CA ALA A 321 27.48 -11.00 -16.89
C ALA A 321 26.53 -11.03 -18.09
N LYS A 322 25.39 -11.66 -17.90
CA LYS A 322 24.47 -11.92 -19.00
C LYS A 322 23.40 -10.83 -19.07
N ALA A 323 22.73 -10.72 -20.22
CA ALA A 323 21.65 -9.76 -20.35
C ALA A 323 20.42 -10.39 -21.00
N ILE A 324 19.23 -9.93 -20.63
CA ILE A 324 18.01 -10.35 -21.30
C ILE A 324 17.31 -9.12 -21.85
N ILE A 325 16.90 -9.21 -23.11
CA ILE A 325 16.12 -8.17 -23.75
C ILE A 325 14.70 -8.70 -23.91
N PHE A 326 13.73 -8.03 -23.29
CA PHE A 326 12.37 -8.50 -23.39
C PHE A 326 11.63 -7.70 -24.45
N VAL A 327 10.96 -8.39 -25.36
CA VAL A 327 10.16 -7.74 -26.38
C VAL A 327 8.73 -8.25 -26.26
N SER A 328 7.80 -7.59 -26.94
CA SER A 328 6.39 -7.91 -26.76
C SER A 328 5.91 -9.10 -27.61
N SER A 329 6.39 -9.19 -28.84
CA SER A 329 5.83 -10.17 -29.77
C SER A 329 6.87 -11.03 -30.46
N GLN A 330 6.40 -12.16 -30.98
CA GLN A 330 7.24 -13.05 -31.75
C GLN A 330 7.83 -12.31 -32.96
N ASN A 331 7.00 -11.52 -33.63
CA ASN A 331 7.47 -10.77 -34.80
C ASN A 331 8.57 -9.79 -34.46
N ILE A 332 8.36 -9.05 -33.37
CA ILE A 332 9.36 -8.10 -32.93
C ILE A 332 10.64 -8.85 -32.54
N CYS A 333 10.46 -9.99 -31.88
CA CYS A 333 11.60 -10.82 -31.49
C CYS A 333 12.44 -11.22 -32.72
N ASP A 334 11.79 -11.82 -33.71
CA ASP A 334 12.47 -12.19 -34.95
C ASP A 334 13.16 -10.98 -35.58
N PHE A 335 12.42 -9.88 -35.66
CA PHE A 335 12.89 -8.62 -36.24
C PHE A 335 14.13 -8.05 -35.56
N ILE A 336 14.08 -7.97 -34.23
CA ILE A 336 15.23 -7.46 -33.48
C ILE A 336 16.43 -8.40 -33.52
N SER A 337 16.17 -9.70 -33.45
CA SER A 337 17.28 -10.65 -33.52
C SER A 337 18.08 -10.41 -34.79
N LYS A 338 17.38 -10.30 -35.92
CA LYS A 338 18.03 -10.11 -37.22
C LYS A 338 18.72 -8.75 -37.33
N LYS A 339 18.09 -7.70 -36.80
CA LYS A 339 18.70 -6.36 -36.82
C LYS A 339 19.96 -6.29 -35.97
N LEU A 340 19.93 -6.98 -34.83
CA LEU A 340 21.08 -6.97 -33.94
C LEU A 340 22.23 -7.69 -34.63
N LEU A 341 21.90 -8.78 -35.31
CA LEU A 341 22.89 -9.56 -36.03
C LEU A 341 23.56 -8.73 -37.14
N ASN A 342 22.78 -7.94 -37.86
CA ASN A 342 23.34 -7.00 -38.84
C ASN A 342 24.29 -6.01 -38.19
N ALA A 343 24.01 -5.69 -36.93
CA ALA A 343 24.86 -4.77 -36.18
C ALA A 343 26.00 -5.51 -35.49
N GLY A 344 26.17 -6.78 -35.83
CA GLY A 344 27.25 -7.59 -35.30
C GLY A 344 27.01 -8.08 -33.88
N ILE A 345 25.74 -8.17 -33.49
CA ILE A 345 25.41 -8.57 -32.14
C ILE A 345 24.68 -9.91 -32.14
N VAL A 346 25.31 -10.92 -31.53
CA VAL A 346 24.73 -12.25 -31.48
C VAL A 346 23.86 -12.39 -30.25
N THR A 347 22.67 -12.99 -30.43
CA THR A 347 21.78 -13.26 -29.32
C THR A 347 21.23 -14.68 -29.44
N CYS A 348 20.78 -15.20 -28.31
CA CYS A 348 19.92 -16.38 -28.29
C CYS A 348 18.48 -15.87 -28.19
N ALA A 349 17.65 -16.21 -29.16
CA ALA A 349 16.25 -15.77 -29.16
C ALA A 349 15.27 -16.90 -28.85
N ILE A 350 14.26 -16.57 -28.08
CA ILE A 350 13.22 -17.50 -27.67
C ILE A 350 11.86 -16.84 -27.78
N HIS A 351 10.94 -17.52 -28.46
CA HIS A 351 9.55 -17.10 -28.51
C HIS A 351 8.71 -18.30 -28.93
N ALA A 352 7.40 -18.25 -28.64
CA ALA A 352 6.51 -19.39 -28.84
C ALA A 352 6.49 -19.97 -30.27
N GLY A 353 7.09 -19.26 -31.22
CA GLY A 353 7.14 -19.72 -32.59
C GLY A 353 8.34 -20.61 -32.89
N LYS A 354 9.10 -20.95 -31.86
CA LYS A 354 10.18 -21.90 -32.01
C LYS A 354 9.78 -23.18 -31.31
N PRO A 355 10.07 -24.34 -31.93
CA PRO A 355 9.72 -25.62 -31.32
C PRO A 355 10.37 -25.76 -29.95
N TYR A 356 9.77 -26.58 -29.09
CA TYR A 356 10.29 -26.84 -27.75
C TYR A 356 11.79 -27.16 -27.70
N GLN A 357 12.26 -28.01 -28.61
CA GLN A 357 13.68 -28.36 -28.65
C GLN A 357 14.56 -27.16 -28.97
N GLU A 358 14.11 -26.30 -29.89
CA GLU A 358 14.89 -25.14 -30.25
C GLU A 358 14.93 -24.11 -29.13
N ARG A 359 13.85 -24.05 -28.35
CA ARG A 359 13.83 -23.18 -27.20
C ARG A 359 14.81 -23.70 -26.13
N LEU A 360 14.79 -25.00 -25.84
CA LEU A 360 15.76 -25.58 -24.92
C LEU A 360 17.17 -25.35 -25.41
N MSE A 361 17.38 -25.53 -26.73
CA MSE A 361 18.70 -25.32 -27.30
C MSE A 361 19.17 -23.91 -27.00
O MSE A 361 20.30 -23.71 -26.56
CB MSE A 361 18.68 -25.55 -28.81
CG MSE A 361 20.07 -25.43 -29.47
SE MSE A 361 20.67 -23.58 -29.87
CE MSE A 361 19.49 -23.25 -31.39
N ASN A 362 18.31 -22.92 -27.25
CA ASN A 362 18.67 -21.53 -26.96
C ASN A 362 18.90 -21.22 -25.48
N LEU A 363 18.09 -21.79 -24.61
CA LEU A 363 18.29 -21.62 -23.18
C LEU A 363 19.64 -22.15 -22.74
N GLU A 364 19.99 -23.34 -23.19
CA GLU A 364 21.22 -23.97 -22.74
C GLU A 364 22.40 -23.22 -23.33
N LYS A 365 22.25 -22.72 -24.55
CA LYS A 365 23.33 -21.91 -25.16
C LYS A 365 23.54 -20.62 -24.36
N PHE A 366 22.43 -19.95 -24.05
CA PHE A 366 22.48 -18.73 -23.24
C PHE A 366 23.16 -18.98 -21.90
N LYS A 367 22.82 -20.08 -21.25
CA LYS A 367 23.40 -20.38 -19.96
C LYS A 367 24.89 -20.67 -20.06
N ARG A 368 25.26 -21.43 -21.09
CA ARG A 368 26.62 -21.91 -21.34
C ARG A 368 27.59 -20.81 -21.79
N GLU A 369 27.10 -19.86 -22.58
CA GLU A 369 28.01 -18.86 -23.18
C GLU A 369 28.29 -17.63 -22.31
N LYS A 370 29.57 -17.30 -22.18
CA LYS A 370 30.01 -16.13 -21.42
C LYS A 370 29.41 -14.81 -21.91
N ASN A 371 28.86 -14.02 -20.99
CA ASN A 371 28.32 -12.69 -21.34
C ASN A 371 27.24 -12.74 -22.43
N SER A 372 26.48 -13.82 -22.44
CA SER A 372 25.48 -14.00 -23.48
C SER A 372 24.31 -13.02 -23.34
N ILE A 373 23.54 -12.88 -24.41
CA ILE A 373 22.33 -12.08 -24.44
C ILE A 373 21.13 -12.91 -24.91
N LEU A 374 20.09 -12.94 -24.11
CA LEU A 374 18.86 -13.62 -24.45
C LEU A 374 17.80 -12.62 -24.90
N LEU A 375 17.21 -12.87 -26.05
CA LEU A 375 16.07 -12.12 -26.55
C LEU A 375 14.83 -12.99 -26.29
N CYS A 376 13.82 -12.45 -25.62
CA CYS A 376 12.71 -13.26 -25.11
C CYS A 376 11.43 -12.44 -25.17
N THR A 377 10.33 -13.05 -25.58
CA THR A 377 9.05 -12.36 -25.53
C THR A 377 8.62 -12.36 -24.08
N GLU A 378 7.88 -11.34 -23.70
CA GLU A 378 7.52 -11.20 -22.30
C GLU A 378 6.66 -12.39 -21.83
N VAL A 379 5.87 -12.98 -22.72
CA VAL A 379 5.10 -14.15 -22.30
C VAL A 379 5.93 -15.44 -22.14
N LEU A 380 6.97 -15.61 -22.95
CA LEU A 380 7.89 -16.71 -22.72
C LEU A 380 8.70 -16.53 -21.43
N SER A 381 8.70 -15.31 -20.88
CA SER A 381 9.48 -15.04 -19.66
C SER A 381 8.81 -15.59 -18.42
N ARG A 382 7.48 -15.67 -18.45
CA ARG A 382 6.73 -16.31 -17.37
C ARG A 382 7.45 -17.58 -16.96
N GLY A 383 7.32 -18.62 -17.76
CA GLY A 383 7.92 -19.89 -17.42
C GLY A 383 9.39 -20.02 -17.81
N LEU A 384 10.16 -18.95 -17.66
CA LEU A 384 11.55 -18.93 -18.13
C LEU A 384 12.54 -19.55 -17.14
N ASN A 385 13.15 -20.65 -17.54
CA ASN A 385 14.14 -21.35 -16.74
C ASN A 385 15.55 -20.77 -16.96
N VAL A 386 15.79 -19.57 -16.45
CA VAL A 386 17.11 -18.95 -16.52
C VAL A 386 17.48 -18.40 -15.15
N PRO A 387 18.77 -18.34 -14.84
CA PRO A 387 19.15 -17.75 -13.55
C PRO A 387 18.96 -16.25 -13.65
N GLU A 388 18.96 -15.55 -12.51
CA GLU A 388 18.93 -14.10 -12.52
C GLU A 388 20.12 -13.60 -13.33
N VAL A 389 19.98 -12.41 -13.91
CA VAL A 389 21.03 -11.86 -14.78
C VAL A 389 21.51 -10.51 -14.30
N SER A 390 22.58 -10.01 -14.91
CA SER A 390 23.17 -8.75 -14.52
C SER A 390 22.44 -7.57 -15.16
N LEU A 391 21.76 -7.84 -16.27
CA LEU A 391 21.12 -6.74 -16.99
C LEU A 391 19.83 -7.14 -17.71
N VAL A 392 18.77 -6.39 -17.43
CA VAL A 392 17.51 -6.56 -18.12
C VAL A 392 17.21 -5.31 -18.93
N ILE A 393 16.90 -5.46 -20.22
CA ILE A 393 16.49 -4.34 -21.08
C ILE A 393 15.08 -4.60 -21.52
N ILE A 394 14.17 -3.71 -21.14
CA ILE A 394 12.78 -3.83 -21.55
C ILE A 394 12.58 -2.99 -22.82
N TYR A 395 12.60 -3.67 -23.96
CA TYR A 395 12.56 -3.01 -25.27
C TYR A 395 11.18 -2.44 -25.56
N ASN A 396 10.15 -3.19 -25.18
CA ASN A 396 8.78 -2.72 -25.26
C ASN A 396 8.27 -2.53 -23.85
N ALA A 397 8.11 -1.28 -23.46
CA ALA A 397 7.78 -0.95 -22.07
C ALA A 397 6.52 -1.70 -21.64
N VAL A 398 6.52 -2.23 -20.42
CA VAL A 398 5.36 -2.99 -19.97
C VAL A 398 4.29 -2.03 -19.47
N LYS A 399 3.05 -2.49 -19.44
CA LYS A 399 1.92 -1.63 -19.14
C LYS A 399 1.17 -2.08 -17.90
N THR A 400 1.77 -2.98 -17.12
CA THR A 400 1.18 -3.33 -15.83
C THR A 400 2.27 -3.42 -14.79
N PHE A 401 1.88 -3.22 -13.54
CA PHE A 401 2.83 -3.33 -12.44
C PHE A 401 3.32 -4.78 -12.30
N ALA A 402 2.44 -5.75 -12.41
CA ALA A 402 2.88 -7.14 -12.26
C ALA A 402 3.94 -7.52 -13.32
N GLN A 403 3.74 -7.08 -14.56
CA GLN A 403 4.72 -7.34 -15.60
C GLN A 403 6.05 -6.65 -15.28
N TYR A 404 5.98 -5.43 -14.77
CA TYR A 404 7.19 -4.69 -14.48
C TYR A 404 7.96 -5.36 -13.34
N VAL A 405 7.25 -5.75 -12.28
CA VAL A 405 7.90 -6.46 -11.18
C VAL A 405 8.47 -7.81 -11.61
N HIS A 406 7.70 -8.55 -12.40
CA HIS A 406 8.22 -9.84 -12.89
C HIS A 406 9.46 -9.70 -13.78
N THR A 407 9.42 -8.76 -14.72
CA THR A 407 10.52 -8.58 -15.66
CA THR A 407 10.53 -8.59 -15.66
C THR A 407 11.79 -8.02 -15.00
N THR A 408 11.65 -6.94 -14.23
CA THR A 408 12.82 -6.37 -13.56
C THR A 408 13.35 -7.35 -12.50
N GLY A 409 12.46 -8.19 -11.98
CA GLY A 409 12.85 -9.22 -11.03
C GLY A 409 13.85 -10.23 -11.58
N ARG A 410 14.07 -10.27 -12.89
CA ARG A 410 15.10 -11.16 -13.43
C ARG A 410 16.52 -10.70 -13.09
N THR A 411 16.64 -9.49 -12.56
CA THR A 411 17.95 -8.99 -12.12
C THR A 411 18.01 -8.77 -10.59
N ALA A 412 16.98 -9.23 -9.88
CA ALA A 412 16.95 -9.11 -8.42
C ALA A 412 17.71 -10.28 -7.80
N ARG A 413 18.86 -9.98 -7.19
CA ARG A 413 19.74 -10.97 -6.59
C ARG A 413 20.26 -10.43 -5.26
N GLY A 414 19.36 -10.10 -4.35
CA GLY A 414 19.76 -9.43 -3.12
C GLY A 414 20.79 -8.33 -3.36
N SER A 415 21.86 -8.36 -2.58
CA SER A 415 22.91 -7.35 -2.65
C SER A 415 23.61 -7.29 -4.00
N ARG A 416 23.49 -8.36 -4.78
CA ARG A 416 24.16 -8.42 -6.07
C ARG A 416 23.22 -8.14 -7.23
N SER A 417 22.11 -7.45 -6.95
CA SER A 417 21.16 -7.09 -7.99
C SER A 417 21.86 -6.25 -9.05
N GLY A 418 21.37 -6.32 -10.30
CA GLY A 418 21.95 -5.55 -11.39
C GLY A 418 21.07 -4.38 -11.84
N THR A 419 20.98 -4.17 -13.15
CA THR A 419 20.33 -2.98 -13.72
C THR A 419 19.14 -3.35 -14.59
N ALA A 420 18.04 -2.62 -14.47
CA ALA A 420 16.90 -2.79 -15.36
C ALA A 420 16.64 -1.48 -16.12
N ILE A 421 16.69 -1.55 -17.43
CA ILE A 421 16.48 -0.37 -18.27
C ILE A 421 15.26 -0.51 -19.18
N THR A 422 14.33 0.45 -19.07
CA THR A 422 13.18 0.46 -19.95
C THR A 422 13.36 1.46 -21.09
N LEU A 423 13.13 1.00 -22.32
CA LEU A 423 13.11 1.88 -23.48
C LEU A 423 11.66 2.28 -23.73
N LEU A 424 11.34 3.53 -23.41
CA LEU A 424 9.97 4.02 -23.35
C LEU A 424 9.70 4.97 -24.51
N LEU A 425 8.65 4.73 -25.26
CA LEU A 425 8.25 5.69 -26.29
C LEU A 425 7.60 6.91 -25.63
N HIS A 426 7.73 8.08 -26.26
CA HIS A 426 7.25 9.34 -25.69
C HIS A 426 5.72 9.38 -25.49
N ASP A 427 4.99 8.49 -26.16
CA ASP A 427 3.54 8.45 -25.98
C ASP A 427 3.10 7.27 -25.12
N GLU A 428 4.04 6.61 -24.46
CA GLU A 428 3.69 5.46 -23.64
C GLU A 428 3.38 5.88 -22.21
N LEU A 429 2.26 6.57 -22.06
CA LEU A 429 1.92 7.20 -20.78
C LEU A 429 1.74 6.20 -19.64
N SER A 430 1.08 5.08 -19.89
CA SER A 430 0.96 4.10 -18.80
C SER A 430 2.33 3.53 -18.41
N GLY A 431 3.24 3.42 -19.38
CA GLY A 431 4.58 2.93 -19.11
C GLY A 431 5.35 3.89 -18.23
N ALA A 432 5.20 5.19 -18.49
CA ALA A 432 5.79 6.24 -17.66
C ALA A 432 5.21 6.22 -16.27
N TYR A 433 3.90 6.04 -16.18
CA TYR A 433 3.22 6.03 -14.89
C TYR A 433 3.81 4.93 -13.99
N ILE A 434 3.92 3.73 -14.54
CA ILE A 434 4.53 2.61 -13.83
C ILE A 434 5.93 2.90 -13.35
N LEU A 435 6.79 3.40 -14.24
CA LEU A 435 8.13 3.82 -13.85
C LEU A 435 8.09 4.83 -12.70
N SER A 436 7.20 5.81 -12.80
CA SER A 436 7.14 6.88 -11.82
C SER A 436 6.81 6.35 -10.42
N LYS A 437 6.07 5.23 -10.37
CA LYS A 437 5.64 4.63 -9.10
C LYS A 437 6.55 3.50 -8.62
N ALA A 438 7.20 2.81 -9.55
CA ALA A 438 8.01 1.65 -9.18
C ALA A 438 9.45 2.02 -8.84
N MSE A 439 9.95 3.11 -9.43
CA MSE A 439 11.31 3.52 -9.15
C MSE A 439 11.39 4.07 -7.74
O MSE A 439 10.38 4.49 -7.19
CB MSE A 439 11.76 4.58 -10.15
CG MSE A 439 11.96 4.05 -11.54
SE MSE A 439 12.38 5.48 -12.79
CE MSE A 439 14.24 5.79 -12.34
N ARG A 440 12.59 4.07 -7.17
CA ARG A 440 12.81 4.56 -5.82
C ARG A 440 12.72 6.07 -5.82
N ASP A 441 12.30 6.64 -4.70
CA ASP A 441 12.33 8.09 -4.57
C ASP A 441 13.75 8.60 -4.84
N GLU A 442 14.72 7.92 -4.26
CA GLU A 442 16.13 8.25 -4.47
C GLU A 442 16.53 8.19 -5.94
N GLU A 443 15.99 7.21 -6.67
CA GLU A 443 16.32 7.09 -8.07
C GLU A 443 15.72 8.24 -8.86
N ILE A 444 14.46 8.58 -8.57
CA ILE A 444 13.79 9.68 -9.23
C ILE A 444 14.49 10.99 -8.92
N LYS A 445 14.94 11.14 -7.68
CA LYS A 445 15.63 12.36 -7.27
C LYS A 445 16.97 12.48 -7.95
N ALA A 446 17.64 11.35 -8.18
CA ALA A 446 18.95 11.35 -8.83
C ALA A 446 18.84 11.52 -10.35
N LEU A 447 17.62 11.55 -10.87
CA LEU A 447 17.44 11.72 -12.32
C LEU A 447 17.85 13.11 -12.78
N ASP A 448 18.35 13.21 -14.01
CA ASP A 448 18.59 14.52 -14.60
CA ASP A 448 18.59 14.51 -14.62
C ASP A 448 17.28 15.28 -14.66
N PRO A 449 17.31 16.56 -14.30
CA PRO A 449 16.07 17.37 -14.23
C PRO A 449 15.16 17.12 -15.43
N LEU A 450 15.72 17.09 -16.64
CA LEU A 450 14.88 16.88 -17.83
C LEU A 450 14.18 15.53 -17.85
N GLN A 451 14.95 14.45 -17.69
CA GLN A 451 14.36 13.12 -17.63
C GLN A 451 13.21 13.08 -16.64
N ALA A 452 13.44 13.60 -15.44
CA ALA A 452 12.43 13.63 -14.40
C ALA A 452 11.22 14.45 -14.81
N LYS A 453 11.46 15.51 -15.58
CA LYS A 453 10.38 16.40 -16.00
C LYS A 453 9.46 15.71 -16.99
N GLU A 454 10.07 15.08 -17.99
CA GLU A 454 9.35 14.37 -19.03
C GLU A 454 8.57 13.20 -18.45
N LEU A 455 9.22 12.44 -17.57
CA LEU A 455 8.55 11.34 -16.88
C LEU A 455 7.31 11.83 -16.13
N GLN A 456 7.46 12.87 -15.32
CA GLN A 456 6.33 13.37 -14.54
C GLN A 456 5.17 13.85 -15.42
N GLU A 457 5.49 14.56 -16.49
CA GLU A 457 4.45 15.06 -17.39
C GLU A 457 3.68 13.92 -18.01
N MSE A 458 4.41 12.89 -18.41
CA MSE A 458 3.79 11.72 -18.99
C MSE A 458 2.88 11.07 -17.96
O MSE A 458 1.73 10.78 -18.23
CB MSE A 458 4.87 10.76 -19.45
CG MSE A 458 5.61 11.27 -20.66
SE MSE A 458 6.96 10.02 -21.29
CE MSE A 458 5.79 8.57 -21.89
N SER A 459 3.42 10.86 -16.76
CA SER A 459 2.66 10.28 -15.66
C SER A 459 1.40 11.07 -15.37
N ALA A 460 1.55 12.38 -15.29
CA ALA A 460 0.44 13.27 -15.02
C ALA A 460 -0.63 13.09 -16.09
N LYS A 461 -0.18 13.04 -17.34
CA LYS A 461 -1.08 12.90 -18.47
C LYS A 461 -1.88 11.62 -18.31
N PHE A 462 -1.20 10.54 -17.94
CA PHE A 462 -1.88 9.26 -17.77
C PHE A 462 -2.93 9.35 -16.66
N GLU A 463 -2.53 9.93 -15.53
CA GLU A 463 -3.41 10.08 -14.37
C GLU A 463 -4.69 10.85 -14.72
N SER A 464 -4.53 12.02 -15.31
CA SER A 464 -5.69 12.82 -15.69
C SER A 464 -6.55 12.04 -16.67
N GLY A 465 -5.92 11.63 -17.78
CA GLY A 465 -6.59 10.87 -18.81
C GLY A 465 -7.44 9.76 -18.22
N MSE A 466 -7.00 9.19 -17.10
CA MSE A 466 -7.74 8.09 -16.51
C MSE A 466 -9.05 8.55 -15.85
O MSE A 466 -10.13 8.27 -16.38
CB MSE A 466 -6.85 7.22 -15.59
CG MSE A 466 -6.89 7.50 -14.09
SE MSE A 466 -6.30 5.96 -12.97
CE MSE A 466 -4.37 6.25 -12.80
N LYS A 467 -8.98 9.26 -14.74
CA LYS A 467 -10.19 9.72 -14.06
C LYS A 467 -11.13 10.44 -15.04
N LYS A 468 -10.61 11.48 -15.70
CA LYS A 468 -11.39 12.22 -16.68
C LYS A 468 -11.81 11.32 -17.84
PB ADP B . -3.55 10.72 7.91
O1B ADP B . -2.41 11.67 8.06
O2B ADP B . -3.18 9.52 7.09
O3B ADP B . -4.38 10.42 9.12
PA ADP B . -6.04 12.07 7.33
O1A ADP B . -5.79 13.22 8.29
O2A ADP B . -7.06 11.03 7.68
O3A ADP B . -4.58 11.49 6.92
O5' ADP B . -6.49 12.73 5.90
C5' ADP B . -5.78 13.86 5.38
C4' ADP B . -6.72 14.70 4.53
O4' ADP B . -7.19 13.93 3.41
C3' ADP B . -7.94 15.09 5.35
O3' ADP B . -8.40 16.38 4.93
C2' ADP B . -8.95 14.05 4.95
O2' ADP B . -10.29 14.50 5.19
C1' ADP B . -8.62 13.88 3.48
N9 ADP B . -9.05 12.59 2.91
C8 ADP B . -9.21 11.42 3.56
N7 ADP B . -9.61 10.46 2.69
C5 ADP B . -9.71 11.03 1.47
C6 ADP B . -10.08 10.58 0.10
N6 ADP B . -10.43 9.28 -0.13
N1 ADP B . -10.05 11.50 -0.89
C2 ADP B . -9.70 12.79 -0.66
N3 ADP B . -9.35 13.27 0.56
C4 ADP B . -9.34 12.44 1.62
MG MG C . -3.98 10.88 11.29
C1 MRD D . -1.84 1.00 -13.23
C2 MRD D . -2.25 0.66 -14.66
O2 MRD D . -3.59 1.12 -14.90
CM MRD D . -1.31 1.43 -15.58
C3 MRD D . -2.14 -0.84 -15.00
C4 MRD D . -2.85 -1.91 -14.14
O4 MRD D . -4.05 -2.38 -14.72
C5 MRD D . -3.09 -1.55 -12.68
C1 MRD E . -9.32 -17.53 10.75
C2 MRD E . -8.30 -16.60 11.42
O2 MRD E . -7.68 -17.32 12.51
CM MRD E . -7.21 -16.21 10.43
C3 MRD E . -8.99 -15.34 11.96
C4 MRD E . -8.77 -15.10 13.45
O4 MRD E . -8.91 -16.28 14.22
C5 MRD E . -9.75 -14.04 13.98
#